data_5C4Y
#
_entry.id   5C4Y
#
_cell.length_a   195.697
_cell.length_b   52.169
_cell.length_c   50.403
_cell.angle_alpha   90.000
_cell.angle_beta   104.970
_cell.angle_gamma   90.000
#
_symmetry.space_group_name_H-M   'C 1 2 1'
#
loop_
_entity.id
_entity.type
_entity.pdbx_description
1 polymer 'Putative transcription regulator Lmo0852'
2 non-polymer 1,2-ETHANEDIOL
3 water water
#
_entity_poly.entity_id   1
_entity_poly.type   'polypeptide(L)'
_entity_poly.pdbx_seq_one_letter_code
;(MSE)TKKLIKEVALTLFAEKGYDGTALSEIAKAVGIKTPSLYAHFASKEALFLEVYQDSIQ(MSE)ELTELGRVAERED
LVGEEKLQSIFFVATDFSSNPDEKKFFQRAVFYPPKSLFQELKEETKTYEQLTNRILRETLEKIVSEEALVRW(MSE)HV
FYALLDGLSVEHGIYDETEFELRRKSAWAVLASLLK
;
_entity_poly.pdbx_strand_id   A,B
#
loop_
_chem_comp.id
_chem_comp.type
_chem_comp.name
_chem_comp.formula
EDO non-polymer 1,2-ETHANEDIOL 'C2 H6 O2'
#
# COMPACT_ATOMS: atom_id res chain seq x y z
N PHE A 49 6.05 23.89 -13.57
CA PHE A 49 5.74 22.55 -13.04
C PHE A 49 6.63 22.20 -11.85
N LEU A 50 7.94 22.14 -12.09
CA LEU A 50 8.89 21.82 -11.03
C LEU A 50 8.84 22.84 -9.88
N GLU A 51 8.21 23.99 -10.12
CA GLU A 51 7.94 24.94 -9.05
C GLU A 51 6.72 24.48 -8.26
N VAL A 52 5.73 23.96 -8.98
CA VAL A 52 4.52 23.43 -8.35
C VAL A 52 4.81 22.17 -7.52
N TYR A 53 5.76 21.36 -7.96
CA TYR A 53 6.15 20.16 -7.25
C TYR A 53 6.86 20.53 -5.97
N GLN A 54 7.88 21.37 -6.08
CA GLN A 54 8.61 21.83 -4.90
C GLN A 54 7.68 22.60 -3.98
N ASP A 55 6.60 23.15 -4.55
CA ASP A 55 5.51 23.71 -3.75
C ASP A 55 4.90 22.64 -2.84
N SER A 56 4.50 21.52 -3.45
CA SER A 56 3.84 20.42 -2.73
C SER A 56 4.77 19.72 -1.76
N ILE A 57 5.98 19.45 -2.19
CA ILE A 57 6.97 18.81 -1.34
C ILE A 57 7.21 19.65 -0.09
N GLN A 58 7.39 20.96 -0.29
CA GLN A 58 7.68 21.84 0.80
C GLN A 58 6.55 21.88 1.81
N MSE A 59 5.32 21.85 1.35
CA MSE A 59 4.24 21.99 2.30
C MSE A 59 4.14 20.72 3.16
O MSE A 59 3.87 20.79 4.36
CB MSE A 59 2.92 22.27 1.61
CG MSE A 59 1.90 22.74 2.60
SE MSE A 59 0.41 23.56 1.72
CE MSE A 59 -0.71 23.92 3.29
N GLU A 60 4.38 19.58 2.52
CA GLU A 60 4.25 18.30 3.20
C GLU A 60 5.33 18.19 4.27
N LEU A 61 6.57 18.49 3.87
CA LEU A 61 7.71 18.45 4.76
C LEU A 61 7.49 19.39 5.95
N THR A 62 6.89 20.55 5.70
CA THR A 62 6.60 21.47 6.78
C THR A 62 5.58 20.90 7.80
N GLU A 63 4.49 20.33 7.30
CA GLU A 63 3.50 19.65 8.14
C GLU A 63 4.09 18.45 8.90
N LEU A 64 4.93 17.65 8.24
CA LEU A 64 5.59 16.52 8.92
C LEU A 64 6.57 17.02 9.99
N GLY A 65 7.37 18.02 9.64
CA GLY A 65 8.30 18.67 10.56
C GLY A 65 7.63 19.22 11.82
N ARG A 66 6.47 19.82 11.65
N ARG A 66 6.43 19.77 11.66
CA ARG A 66 5.71 20.30 12.78
CA ARG A 66 5.62 20.31 12.77
C ARG A 66 5.49 19.14 13.75
C ARG A 66 5.17 19.23 13.76
N VAL A 67 4.93 18.03 13.26
CA VAL A 67 4.63 16.91 14.15
C VAL A 67 5.95 16.42 14.75
N ALA A 68 6.98 16.29 13.92
CA ALA A 68 8.21 15.68 14.39
C ALA A 68 8.90 16.48 15.48
N GLU A 69 8.74 17.81 15.48
N GLU A 69 8.70 17.80 15.45
CA GLU A 69 9.44 18.60 16.50
CA GLU A 69 9.29 18.73 16.41
C GLU A 69 8.78 18.48 17.88
C GLU A 69 8.74 18.55 17.82
N ARG A 70 7.58 17.91 17.96
CA ARG A 70 6.92 17.87 19.24
C ARG A 70 7.63 16.89 20.12
N GLU A 71 7.87 17.31 21.33
CA GLU A 71 8.53 16.45 22.30
C GLU A 71 7.72 15.82 23.40
N ASP A 72 6.42 16.04 23.40
CA ASP A 72 5.60 15.47 24.44
C ASP A 72 4.95 14.15 23.95
N LEU A 73 5.35 13.51 22.86
N LEU A 73 5.50 13.87 22.76
CA LEU A 73 4.69 12.20 22.49
CA LEU A 73 5.11 12.97 21.72
C LEU A 73 5.63 10.97 22.56
C LEU A 73 6.39 12.26 21.31
N VAL A 74 5.11 9.79 22.89
N VAL A 74 6.44 10.95 21.54
CA VAL A 74 5.95 8.56 22.72
CA VAL A 74 7.61 10.14 21.21
C VAL A 74 6.08 8.23 21.23
C VAL A 74 7.08 8.77 20.79
N GLY A 75 7.06 7.42 20.86
N GLY A 75 7.95 7.95 20.21
CA GLY A 75 7.30 7.16 19.45
CA GLY A 75 7.61 6.55 20.01
C GLY A 75 6.08 6.74 18.65
C GLY A 75 6.36 6.26 19.18
N GLU A 76 5.32 5.82 19.22
N GLU A 76 5.51 5.37 19.69
CA GLU A 76 4.11 5.28 18.58
CA GLU A 76 4.38 4.89 18.88
C GLU A 76 3.17 6.42 18.26
C GLU A 76 3.38 6.02 18.59
N GLU A 77 2.89 7.25 19.27
N GLU A 77 3.30 7.04 19.45
CA GLU A 77 2.03 8.39 19.06
CA GLU A 77 2.29 8.08 19.26
C GLU A 77 2.68 9.26 18.02
C GLU A 77 2.69 9.13 18.21
N LYS A 78 4.00 9.40 18.10
CA LYS A 78 4.58 10.27 17.09
C LYS A 78 4.42 9.64 15.71
N LEU A 79 4.65 8.35 15.63
CA LEU A 79 4.50 7.71 14.32
C LEU A 79 3.05 7.68 13.84
N GLN A 80 2.11 7.48 14.76
CA GLN A 80 0.68 7.54 14.38
C GLN A 80 0.38 8.88 13.81
N SER A 81 0.86 9.90 14.52
CA SER A 81 0.63 11.28 14.09
C SER A 81 1.22 11.50 12.68
N ILE A 82 2.46 11.03 12.45
CA ILE A 82 3.06 11.17 11.14
C ILE A 82 2.27 10.41 10.07
N PHE A 83 1.86 9.19 10.37
CA PHE A 83 1.08 8.40 9.41
C PHE A 83 -0.22 9.11 9.07
N PHE A 84 -0.90 9.74 10.05
CA PHE A 84 -2.12 10.43 9.72
C PHE A 84 -1.91 11.70 8.90
N VAL A 85 -0.83 12.48 9.12
CA VAL A 85 -0.50 13.61 8.22
C VAL A 85 -0.26 13.11 6.82
N ALA A 86 0.54 12.07 6.69
CA ALA A 86 0.92 11.59 5.37
C ALA A 86 -0.27 11.09 4.59
N THR A 87 -1.26 10.55 5.29
CA THR A 87 -2.44 9.99 4.63
C THR A 87 -3.60 10.97 4.60
N ASP A 88 -3.38 12.23 4.97
CA ASP A 88 -4.55 13.10 5.02
C ASP A 88 -4.65 13.65 3.58
N PHE A 89 -5.47 12.95 2.79
CA PHE A 89 -5.47 13.11 1.34
C PHE A 89 -6.55 14.07 0.99
N SER A 90 -7.39 14.33 1.99
CA SER A 90 -8.53 15.23 1.83
C SER A 90 -8.18 16.72 2.00
N SER A 91 -7.15 17.04 2.78
CA SER A 91 -7.02 18.45 3.21
C SER A 91 -6.56 19.42 2.07
N ASN A 92 -5.60 19.02 1.23
CA ASN A 92 -5.26 19.85 0.08
C ASN A 92 -5.33 19.01 -1.18
N PRO A 93 -6.54 18.57 -1.55
CA PRO A 93 -6.78 17.47 -2.50
C PRO A 93 -6.01 17.58 -3.79
N ASP A 94 -5.91 18.81 -4.30
CA ASP A 94 -5.23 19.00 -5.57
C ASP A 94 -3.72 18.85 -5.39
N GLU A 95 -3.20 19.47 -4.34
CA GLU A 95 -1.79 19.34 -4.00
C GLU A 95 -1.46 17.84 -3.92
N LYS A 96 -2.32 17.11 -3.23
CA LYS A 96 -2.15 15.67 -3.05
C LYS A 96 -2.28 14.88 -4.34
N LYS A 97 -3.15 15.32 -5.24
CA LYS A 97 -3.29 14.62 -6.52
C LYS A 97 -2.05 14.87 -7.39
N PHE A 98 -1.62 16.13 -7.46
CA PHE A 98 -0.43 16.52 -8.21
C PHE A 98 0.76 15.69 -7.75
N PHE A 99 0.96 15.68 -6.44
CA PHE A 99 2.09 15.00 -5.83
C PHE A 99 2.08 13.51 -6.20
N GLN A 100 0.91 12.90 -6.12
CA GLN A 100 0.75 11.51 -6.56
C GLN A 100 1.19 11.29 -8.01
N ARG A 101 0.68 12.11 -8.93
CA ARG A 101 1.03 11.95 -10.36
C ARG A 101 2.55 12.08 -10.52
N ALA A 102 3.13 13.08 -9.87
CA ALA A 102 4.55 13.35 -9.98
C ALA A 102 5.40 12.17 -9.54
N VAL A 103 5.09 11.61 -8.37
CA VAL A 103 5.80 10.44 -7.84
C VAL A 103 5.52 9.15 -8.59
N PHE A 104 4.24 8.79 -8.71
CA PHE A 104 3.84 7.48 -9.21
C PHE A 104 3.95 7.33 -10.74
N TYR A 105 3.49 8.34 -11.48
CA TYR A 105 3.51 8.27 -12.95
C TYR A 105 4.06 9.53 -13.59
N PRO A 106 5.35 9.80 -13.36
CA PRO A 106 5.95 11.04 -13.87
C PRO A 106 5.97 11.07 -15.41
N PRO A 107 5.90 12.27 -16.02
CA PRO A 107 6.04 12.37 -17.47
C PRO A 107 7.45 11.98 -17.89
N LYS A 108 7.61 11.11 -18.89
CA LYS A 108 8.94 10.62 -19.26
C LYS A 108 9.86 11.76 -19.69
N SER A 109 9.24 12.85 -20.17
CA SER A 109 9.96 14.08 -20.49
C SER A 109 10.76 14.59 -19.31
N LEU A 110 10.04 14.96 -18.25
CA LEU A 110 10.63 15.57 -17.07
C LEU A 110 11.20 14.51 -16.11
N PHE A 111 11.14 13.24 -16.53
CA PHE A 111 11.45 12.07 -15.70
C PHE A 111 12.73 12.12 -14.86
N GLN A 112 13.87 12.46 -15.45
CA GLN A 112 15.10 12.55 -14.65
C GLN A 112 15.08 13.76 -13.70
N GLU A 113 14.42 14.85 -14.11
CA GLU A 113 14.27 16.04 -13.26
C GLU A 113 13.56 15.69 -11.95
N LEU A 114 12.28 15.32 -12.06
CA LEU A 114 11.44 15.01 -10.91
C LEU A 114 11.97 13.87 -10.02
N LYS A 115 12.77 12.96 -10.60
CA LYS A 115 13.29 11.81 -9.85
C LYS A 115 14.24 12.24 -8.72
N GLU A 116 15.10 13.20 -9.02
CA GLU A 116 16.05 13.69 -8.04
C GLU A 116 15.31 14.42 -6.91
N GLU A 117 14.33 15.24 -7.27
CA GLU A 117 13.52 15.96 -6.29
C GLU A 117 12.70 15.00 -5.41
N THR A 118 12.21 13.93 -6.02
CA THR A 118 11.38 12.96 -5.31
C THR A 118 12.24 12.22 -4.29
N LYS A 119 13.45 11.88 -4.72
CA LYS A 119 14.47 11.28 -3.86
C LYS A 119 14.79 12.18 -2.68
N THR A 120 14.87 13.47 -2.95
CA THR A 120 15.12 14.43 -1.88
C THR A 120 14.03 14.38 -0.83
N TYR A 121 12.77 14.32 -1.25
CA TYR A 121 11.66 14.33 -0.32
C TYR A 121 11.66 13.04 0.52
N GLU A 122 11.94 11.92 -0.14
CA GLU A 122 12.08 10.64 0.52
C GLU A 122 13.15 10.61 1.60
N GLN A 123 14.34 11.12 1.29
CA GLN A 123 15.40 11.10 2.29
C GLN A 123 15.02 11.94 3.50
N LEU A 124 14.28 12.99 3.27
CA LEU A 124 13.87 13.81 4.39
C LEU A 124 12.79 13.14 5.25
N THR A 125 11.84 12.46 4.63
CA THR A 125 10.79 11.79 5.41
C THR A 125 11.39 10.55 6.09
N ASN A 126 12.33 9.89 5.41
CA ASN A 126 13.06 8.79 6.03
C ASN A 126 13.80 9.18 7.33
N ARG A 127 14.45 10.35 7.35
N ARG A 127 14.45 10.35 7.35
CA ARG A 127 15.12 10.82 8.55
CA ARG A 127 15.12 10.82 8.55
C ARG A 127 14.14 10.94 9.72
C ARG A 127 14.13 10.91 9.72
N ILE A 128 12.96 11.46 9.48
CA ILE A 128 11.94 11.58 10.55
C ILE A 128 11.52 10.22 11.06
N LEU A 129 11.20 9.30 10.16
CA LEU A 129 10.85 7.93 10.59
C LEU A 129 12.00 7.25 11.35
N ARG A 130 13.22 7.40 10.84
N ARG A 130 13.22 7.30 10.81
CA ARG A 130 14.38 6.76 11.45
CA ARG A 130 14.32 6.52 11.41
C ARG A 130 14.68 7.35 12.82
C ARG A 130 14.60 7.02 12.82
N GLU A 131 14.59 8.68 12.94
N GLU A 131 14.65 8.34 13.00
CA GLU A 131 14.84 9.32 14.24
CA GLU A 131 15.03 8.92 14.28
C GLU A 131 13.96 8.67 15.30
C GLU A 131 13.96 8.65 15.34
N THR A 132 12.72 8.44 14.91
CA THR A 132 11.70 7.97 15.87
C THR A 132 11.79 6.46 16.11
N LEU A 133 11.87 5.70 15.03
CA LEU A 133 11.92 4.23 15.14
C LEU A 133 13.17 3.73 15.90
N GLU A 134 14.32 4.38 15.72
CA GLU A 134 15.57 3.76 16.19
C GLU A 134 15.57 3.78 17.71
N LYS A 135 14.71 4.61 18.29
CA LYS A 135 14.65 4.66 19.73
C LYS A 135 13.83 3.52 20.31
N ILE A 136 12.85 3.04 19.56
CA ILE A 136 12.01 1.95 20.07
C ILE A 136 12.09 0.56 19.48
N VAL A 137 12.76 0.37 18.34
CA VAL A 137 12.85 -0.99 17.76
C VAL A 137 14.25 -1.19 17.17
N SER A 138 14.62 -2.44 16.91
CA SER A 138 15.91 -2.82 16.29
C SER A 138 16.01 -2.37 14.83
N GLU A 139 17.23 -2.37 14.30
CA GLU A 139 17.44 -1.98 12.92
C GLU A 139 16.61 -2.88 11.95
N GLU A 140 16.61 -4.20 12.16
CA GLU A 140 15.91 -5.08 11.22
C GLU A 140 14.41 -4.80 11.31
N ALA A 141 13.89 -4.49 12.48
CA ALA A 141 12.44 -4.16 12.60
C ALA A 141 12.13 -2.78 11.99
N LEU A 142 13.06 -1.84 12.16
CA LEU A 142 12.97 -0.47 11.67
C LEU A 142 12.83 -0.50 10.14
N VAL A 143 13.66 -1.33 9.49
CA VAL A 143 13.68 -1.36 8.00
C VAL A 143 12.35 -1.92 7.51
N ARG A 144 11.87 -2.98 8.16
CA ARG A 144 10.63 -3.62 7.75
C ARG A 144 9.45 -2.64 7.93
N TRP A 145 9.47 -1.90 9.04
CA TRP A 145 8.37 -0.99 9.38
C TRP A 145 8.35 0.09 8.33
N MSE A 146 9.51 0.64 7.98
CA MSE A 146 9.53 1.70 6.97
C MSE A 146 9.05 1.22 5.64
O MSE A 146 8.30 1.96 4.97
CB MSE A 146 10.95 2.32 6.84
CG MSE A 146 11.20 3.28 8.01
SE MSE A 146 13.00 4.06 8.05
CE MSE A 146 13.08 4.65 6.23
N HIS A 147 9.46 0.02 5.19
CA HIS A 147 8.97 -0.52 3.93
C HIS A 147 7.44 -0.57 3.94
N VAL A 148 6.88 -1.09 5.03
N VAL A 148 6.84 -1.07 5.01
CA VAL A 148 5.43 -1.26 5.11
CA VAL A 148 5.39 -1.21 4.95
C VAL A 148 4.73 0.12 5.18
C VAL A 148 4.66 0.13 5.24
N PHE A 149 5.29 1.05 5.94
CA PHE A 149 4.77 2.43 6.05
C PHE A 149 4.57 2.99 4.66
N TYR A 150 5.60 2.91 3.81
CA TYR A 150 5.45 3.51 2.46
C TYR A 150 4.49 2.72 1.56
N ALA A 151 4.50 1.40 1.62
CA ALA A 151 3.55 0.60 0.87
C ALA A 151 2.08 0.93 1.29
N LEU A 152 1.81 1.07 2.60
CA LEU A 152 0.45 1.42 3.03
C LEU A 152 0.10 2.84 2.59
N LEU A 153 1.04 3.77 2.72
CA LEU A 153 0.80 5.17 2.30
C LEU A 153 0.44 5.22 0.83
N ASP A 154 1.23 4.53 0.02
CA ASP A 154 1.04 4.52 -1.44
C ASP A 154 -0.29 3.82 -1.81
N GLY A 155 -0.63 2.71 -1.16
CA GLY A 155 -1.84 1.99 -1.49
C GLY A 155 -3.05 2.80 -1.06
N LEU A 156 -2.97 3.42 0.11
CA LEU A 156 -4.08 4.24 0.57
C LEU A 156 -4.25 5.46 -0.35
N SER A 157 -3.14 5.93 -0.87
CA SER A 157 -3.20 7.09 -1.74
C SER A 157 -4.04 6.82 -2.98
N VAL A 158 -3.73 5.68 -3.57
N VAL A 158 -3.83 5.67 -3.61
CA VAL A 158 -4.46 5.12 -4.68
CA VAL A 158 -4.63 5.35 -4.80
C VAL A 158 -5.92 4.94 -4.33
C VAL A 158 -6.01 4.80 -4.44
N GLU A 159 -6.15 4.16 -3.27
CA GLU A 159 -7.49 3.81 -2.79
C GLU A 159 -8.36 5.03 -2.48
N HIS A 160 -7.74 6.12 -2.07
CA HIS A 160 -8.51 7.32 -1.77
C HIS A 160 -9.34 7.74 -3.00
N GLY A 161 -8.75 7.53 -4.17
CA GLY A 161 -9.42 7.83 -5.42
C GLY A 161 -10.65 7.01 -5.79
N ILE A 162 -10.66 5.74 -5.44
CA ILE A 162 -11.80 4.87 -5.77
C ILE A 162 -12.81 4.48 -4.66
N TYR A 163 -12.56 4.85 -3.42
CA TYR A 163 -13.49 4.52 -2.34
C TYR A 163 -14.09 5.79 -1.79
N ASP A 164 -15.29 5.71 -1.22
CA ASP A 164 -15.82 6.91 -0.60
C ASP A 164 -15.10 7.17 0.71
N GLU A 165 -15.44 8.31 1.31
CA GLU A 165 -14.73 8.78 2.47
C GLU A 165 -14.84 7.79 3.60
N THR A 166 -16.04 7.28 3.84
CA THR A 166 -16.23 6.38 4.97
C THR A 166 -15.38 5.11 4.82
N GLU A 167 -15.41 4.50 3.63
CA GLU A 167 -14.66 3.29 3.39
C GLU A 167 -13.16 3.58 3.44
N PHE A 168 -12.75 4.70 2.87
CA PHE A 168 -11.34 5.11 2.95
C PHE A 168 -10.85 5.18 4.38
N GLU A 169 -11.63 5.81 5.24
CA GLU A 169 -11.22 6.00 6.62
C GLU A 169 -11.10 4.68 7.38
N LEU A 170 -11.96 3.74 7.10
CA LEU A 170 -11.84 2.41 7.72
C LEU A 170 -10.52 1.75 7.33
N ARG A 171 -10.15 1.86 6.06
CA ARG A 171 -8.93 1.22 5.58
C ARG A 171 -7.69 1.94 6.13
N ARG A 172 -7.80 3.25 6.29
CA ARG A 172 -6.71 4.03 6.87
C ARG A 172 -6.48 3.60 8.33
N LYS A 173 -7.57 3.39 9.08
CA LYS A 173 -7.49 2.89 10.45
C LYS A 173 -6.96 1.45 10.54
N SER A 174 -7.35 0.55 9.64
CA SER A 174 -6.73 -0.82 9.64
C SER A 174 -5.24 -0.75 9.41
N ALA A 175 -4.81 0.10 8.47
CA ALA A 175 -3.39 0.25 8.14
C ALA A 175 -2.61 0.70 9.35
N TRP A 176 -3.12 1.71 10.06
CA TRP A 176 -2.40 2.24 11.20
C TRP A 176 -2.43 1.15 12.29
N ALA A 177 -3.55 0.45 12.47
CA ALA A 177 -3.57 -0.57 13.53
C ALA A 177 -2.48 -1.63 13.27
N VAL A 178 -2.23 -2.00 12.02
CA VAL A 178 -1.24 -3.05 11.75
C VAL A 178 0.16 -2.46 11.98
N LEU A 179 0.40 -1.20 11.58
CA LEU A 179 1.68 -0.55 11.87
C LEU A 179 1.93 -0.51 13.39
N ALA A 180 0.88 -0.23 14.14
CA ALA A 180 1.02 -0.13 15.60
C ALA A 180 1.31 -1.48 16.21
N SER A 181 0.75 -2.54 15.61
CA SER A 181 0.93 -3.89 16.14
C SER A 181 2.42 -4.28 16.10
N LEU A 182 3.17 -3.69 15.16
CA LEU A 182 4.61 -4.00 15.06
C LEU A 182 5.47 -3.31 16.12
N LEU A 183 4.89 -2.34 16.78
CA LEU A 183 5.58 -1.55 17.81
C LEU A 183 5.26 -2.01 19.23
N LYS A 184 4.40 -3.03 19.30
CA LYS A 184 3.87 -3.70 20.51
C LYS A 184 2.49 -3.21 20.96
N PHE B 49 -11.98 -2.42 -25.68
CA PHE B 49 -11.30 -2.09 -24.42
C PHE B 49 -11.86 -2.90 -23.26
N LEU B 50 -13.16 -2.78 -23.01
CA LEU B 50 -13.82 -3.46 -21.90
C LEU B 50 -13.67 -5.00 -21.98
N GLU B 51 -13.40 -5.54 -23.16
CA GLU B 51 -13.09 -6.96 -23.30
C GLU B 51 -11.61 -7.24 -22.99
N VAL B 52 -10.78 -6.21 -23.10
CA VAL B 52 -9.36 -6.33 -22.76
C VAL B 52 -9.20 -6.29 -21.24
N TYR B 53 -10.14 -5.60 -20.58
CA TYR B 53 -10.21 -5.58 -19.14
C TYR B 53 -10.71 -6.93 -18.64
N GLN B 54 -11.79 -7.41 -19.25
CA GLN B 54 -12.28 -8.74 -18.93
C GLN B 54 -11.21 -9.78 -19.30
N ASP B 55 -10.34 -9.42 -20.25
CA ASP B 55 -9.18 -10.25 -20.57
C ASP B 55 -8.22 -10.32 -19.38
N SER B 56 -7.93 -9.17 -18.78
CA SER B 56 -7.04 -9.11 -17.61
C SER B 56 -7.63 -9.73 -16.36
N ILE B 57 -8.87 -9.40 -16.09
CA ILE B 57 -9.54 -9.88 -14.90
C ILE B 57 -9.61 -11.40 -14.89
N GLN B 58 -10.02 -11.98 -16.01
CA GLN B 58 -10.18 -13.41 -16.08
C GLN B 58 -8.86 -14.15 -15.91
N MSE B 59 -7.78 -13.60 -16.44
CA MSE B 59 -6.50 -14.27 -16.33
C MSE B 59 -6.01 -14.28 -14.87
O MSE B 59 -5.39 -15.23 -14.40
CB MSE B 59 -5.47 -13.62 -17.22
CG MSE B 59 -4.31 -14.55 -17.47
SE MSE B 59 -3.01 -13.77 -18.67
CE MSE B 59 -1.71 -15.24 -18.63
N GLU B 60 -6.29 -13.19 -14.16
CA GLU B 60 -5.82 -13.07 -12.81
C GLU B 60 -6.62 -14.01 -11.92
N LEU B 61 -7.93 -14.01 -12.15
CA LEU B 61 -8.84 -14.83 -11.38
C LEU B 61 -8.49 -16.29 -11.57
N THR B 62 -8.04 -16.66 -12.77
N THR B 62 -8.11 -16.64 -12.79
CA THR B 62 -7.76 -18.07 -13.00
CA THR B 62 -7.70 -18.00 -13.08
C THR B 62 -6.42 -18.48 -12.35
C THR B 62 -6.51 -18.37 -12.20
N GLU B 63 -5.46 -17.56 -12.24
CA GLU B 63 -4.22 -17.87 -11.51
C GLU B 63 -4.48 -17.94 -10.01
N LEU B 64 -5.31 -17.04 -9.49
CA LEU B 64 -5.68 -17.07 -8.06
C LEU B 64 -6.45 -18.35 -7.72
N GLY B 65 -7.40 -18.71 -8.59
CA GLY B 65 -8.20 -19.91 -8.42
C GLY B 65 -7.34 -21.15 -8.40
N ARG B 66 -6.33 -21.17 -9.23
CA ARG B 66 -5.43 -22.32 -9.29
C ARG B 66 -4.73 -22.49 -7.93
N VAL B 67 -4.32 -21.39 -7.33
CA VAL B 67 -3.72 -21.47 -6.00
C VAL B 67 -4.76 -21.88 -4.97
N ALA B 68 -5.92 -21.22 -5.02
CA ALA B 68 -6.95 -21.43 -4.03
C ALA B 68 -7.48 -22.86 -4.02
N GLU B 69 -7.46 -23.59 -5.14
N GLU B 69 -7.38 -23.54 -5.17
CA GLU B 69 -8.05 -24.93 -5.08
CA GLU B 69 -7.91 -24.90 -5.33
C GLU B 69 -7.10 -25.95 -4.47
C GLU B 69 -7.06 -25.95 -4.62
N ARG B 70 -5.84 -25.59 -4.24
CA ARG B 70 -4.93 -26.58 -3.68
C ARG B 70 -5.31 -26.83 -2.24
N GLU B 71 -5.35 -28.10 -1.92
CA GLU B 71 -5.71 -28.53 -0.58
C GLU B 71 -4.61 -29.02 0.33
N ASP B 72 -3.37 -29.01 -0.14
CA ASP B 72 -2.26 -29.46 0.67
C ASP B 72 -1.54 -28.29 1.40
N LEU B 73 -2.15 -27.10 1.47
N LEU B 73 -2.14 -27.14 1.31
CA LEU B 73 -1.53 -25.90 2.11
CA LEU B 73 -1.72 -26.04 2.14
C LEU B 73 -2.21 -25.44 3.43
C LEU B 73 -3.00 -25.28 2.45
N VAL B 74 -1.47 -25.07 4.49
N VAL B 74 -3.02 -24.77 3.65
CA VAL B 74 -2.14 -24.34 5.62
CA VAL B 74 -4.19 -24.15 4.15
C VAL B 74 -2.54 -22.95 5.15
C VAL B 74 -3.65 -22.94 4.81
N GLY B 75 -3.46 -22.30 5.86
N GLY B 75 -4.56 -22.13 5.35
CA GLY B 75 -3.98 -21.04 5.39
CA GLY B 75 -4.15 -21.10 6.26
C GLY B 75 -2.93 -19.98 5.13
C GLY B 75 -3.08 -20.18 5.74
N GLU B 76 -2.04 -19.79 6.11
N GLU B 76 -2.00 -20.07 6.52
CA GLU B 76 -0.97 -18.80 6.04
CA GLU B 76 -0.94 -19.11 6.24
C GLU B 76 -0.08 -19.06 4.81
C GLU B 76 -0.31 -19.34 4.87
N GLU B 77 0.17 -20.33 4.51
N GLU B 77 0.02 -20.59 4.59
CA GLU B 77 0.85 -20.66 3.27
CA GLU B 77 0.79 -20.89 3.37
C GLU B 77 -0.06 -20.35 2.08
C GLU B 77 -0.02 -20.59 2.09
N LYS B 78 -1.34 -20.74 2.17
CA LYS B 78 -2.23 -20.43 1.05
C LYS B 78 -2.29 -18.90 0.84
N LEU B 79 -2.41 -18.18 1.94
CA LEU B 79 -2.44 -16.71 1.83
C LEU B 79 -1.11 -16.13 1.28
N GLN B 80 0.02 -16.67 1.72
CA GLN B 80 1.31 -16.24 1.17
C GLN B 80 1.31 -16.47 -0.32
N SER B 81 0.83 -17.64 -0.74
CA SER B 81 0.84 -17.97 -2.16
C SER B 81 -0.05 -16.98 -2.93
N ILE B 82 -1.23 -16.66 -2.39
CA ILE B 82 -2.12 -15.73 -3.04
C ILE B 82 -1.48 -14.34 -3.12
N PHE B 83 -0.86 -13.89 -2.05
CA PHE B 83 -0.24 -12.56 -2.02
C PHE B 83 0.85 -12.50 -3.06
N PHE B 84 1.65 -13.56 -3.21
CA PHE B 84 2.70 -13.48 -4.21
C PHE B 84 2.17 -13.55 -5.64
N VAL B 85 1.09 -14.29 -5.92
CA VAL B 85 0.46 -14.20 -7.25
C VAL B 85 -0.05 -12.81 -7.54
N ALA B 86 -0.76 -12.23 -6.57
CA ALA B 86 -1.33 -10.90 -6.80
C ALA B 86 -0.28 -9.83 -6.98
N THR B 87 0.89 -10.01 -6.40
CA THR B 87 1.97 -9.00 -6.51
C THR B 87 2.95 -9.36 -7.58
N ASP B 88 2.67 -10.38 -8.40
CA ASP B 88 3.71 -10.70 -9.37
C ASP B 88 3.40 -9.79 -10.57
N PHE B 89 4.10 -8.65 -10.59
CA PHE B 89 3.78 -7.52 -11.47
C PHE B 89 4.61 -7.60 -12.71
N SER B 90 5.62 -8.47 -12.67
CA SER B 90 6.54 -8.64 -13.81
C SER B 90 6.09 -9.71 -14.80
N SER B 91 5.11 -10.52 -14.42
CA SER B 91 4.52 -11.51 -15.33
C SER B 91 3.31 -10.88 -16.02
N ASN B 92 3.30 -10.93 -17.35
CA ASN B 92 2.33 -10.18 -18.13
C ASN B 92 2.34 -8.72 -17.69
N PRO B 93 3.50 -8.04 -17.81
CA PRO B 93 3.62 -6.68 -17.29
C PRO B 93 2.62 -5.70 -17.92
N ASP B 94 2.28 -5.91 -19.18
CA ASP B 94 1.29 -5.06 -19.83
C ASP B 94 -0.10 -5.32 -19.26
N GLU B 95 -0.46 -6.59 -19.10
CA GLU B 95 -1.72 -6.95 -18.45
C GLU B 95 -1.78 -6.23 -17.11
N LYS B 96 -0.69 -6.35 -16.36
CA LYS B 96 -0.60 -5.75 -15.04
C LYS B 96 -0.71 -4.23 -15.08
N LYS B 97 -0.12 -3.59 -16.08
CA LYS B 97 -0.20 -2.13 -16.17
C LYS B 97 -1.62 -1.69 -16.54
N PHE B 98 -2.18 -2.31 -17.58
CA PHE B 98 -3.55 -2.02 -18.03
C PHE B 98 -4.49 -2.10 -16.86
N PHE B 99 -4.44 -3.22 -16.16
CA PHE B 99 -5.30 -3.51 -15.04
C PHE B 99 -5.18 -2.40 -13.99
N GLN B 100 -3.94 -2.00 -13.76
CA GLN B 100 -3.62 -0.96 -12.79
C GLN B 100 -4.31 0.35 -13.16
N ARG B 101 -4.27 0.70 -14.43
CA ARG B 101 -4.85 1.97 -14.87
C ARG B 101 -6.38 1.87 -14.83
N ALA B 102 -6.93 0.73 -15.25
CA ALA B 102 -8.38 0.54 -15.27
C ALA B 102 -9.01 0.68 -13.88
N VAL B 103 -8.25 0.27 -12.85
CA VAL B 103 -8.70 0.33 -11.46
C VAL B 103 -8.44 1.71 -10.83
N PHE B 104 -7.18 2.10 -10.76
CA PHE B 104 -6.78 3.28 -9.99
C PHE B 104 -7.22 4.59 -10.68
N TYR B 105 -7.19 4.61 -12.01
CA TYR B 105 -7.43 5.83 -12.76
C TYR B 105 -8.26 5.57 -14.00
N PRO B 106 -9.53 5.20 -13.80
CA PRO B 106 -10.39 4.92 -14.93
C PRO B 106 -10.71 6.20 -15.71
N PRO B 107 -10.94 6.09 -17.03
CA PRO B 107 -11.42 7.26 -17.78
C PRO B 107 -12.82 7.65 -17.32
N LYS B 108 -13.08 8.93 -17.06
CA LYS B 108 -14.41 9.37 -16.65
C LYS B 108 -15.46 8.94 -17.68
N SER B 109 -15.03 8.84 -18.93
CA SER B 109 -15.85 8.36 -20.03
C SER B 109 -16.44 6.97 -19.74
N LEU B 110 -15.58 5.97 -19.64
CA LEU B 110 -15.99 4.59 -19.47
C LEU B 110 -16.18 4.26 -17.99
N PHE B 111 -16.07 5.29 -17.14
CA PHE B 111 -16.02 5.15 -15.68
C PHE B 111 -17.09 4.26 -15.06
N GLN B 112 -18.35 4.45 -15.42
CA GLN B 112 -19.42 3.62 -14.83
C GLN B 112 -19.41 2.19 -15.38
N GLU B 113 -18.85 2.01 -16.58
CA GLU B 113 -18.81 0.70 -17.21
C GLU B 113 -17.93 -0.28 -16.43
N LEU B 114 -16.68 0.11 -16.17
CA LEU B 114 -15.73 -0.81 -15.56
C LEU B 114 -15.70 -0.73 -14.03
N LYS B 115 -16.52 0.14 -13.44
CA LYS B 115 -16.62 0.19 -11.98
C LYS B 115 -17.40 -1.04 -11.50
N GLU B 116 -18.37 -1.46 -12.30
CA GLU B 116 -19.21 -2.59 -11.93
C GLU B 116 -18.44 -3.90 -12.04
N GLU B 117 -17.57 -4.02 -13.05
CA GLU B 117 -16.81 -5.25 -13.19
C GLU B 117 -15.47 -5.20 -12.45
N THR B 118 -15.10 -4.03 -11.97
CA THR B 118 -14.00 -3.95 -11.03
C THR B 118 -14.54 -4.50 -9.71
N LYS B 119 -15.74 -4.07 -9.37
CA LYS B 119 -16.46 -4.57 -8.21
C LYS B 119 -16.63 -6.10 -8.29
N THR B 120 -16.85 -6.61 -9.49
CA THR B 120 -16.99 -8.06 -9.68
C THR B 120 -15.69 -8.80 -9.38
N TYR B 121 -14.56 -8.28 -9.87
CA TYR B 121 -13.25 -8.88 -9.61
C TYR B 121 -12.95 -8.86 -8.09
N GLU B 122 -13.27 -7.75 -7.46
CA GLU B 122 -13.12 -7.60 -6.02
C GLU B 122 -13.91 -8.65 -5.25
N GLN B 123 -15.18 -8.82 -5.59
CA GLN B 123 -16.05 -9.74 -4.87
C GLN B 123 -15.47 -11.15 -4.98
N LEU B 124 -14.94 -11.47 -6.15
CA LEU B 124 -14.38 -12.81 -6.31
C LEU B 124 -13.07 -12.99 -5.57
N THR B 125 -12.24 -11.95 -5.46
CA THR B 125 -10.96 -12.08 -4.75
C THR B 125 -11.26 -12.16 -3.26
N ASN B 126 -12.23 -11.36 -2.86
CA ASN B 126 -12.67 -11.39 -1.47
C ASN B 126 -13.14 -12.76 -0.99
N ARG B 127 -13.89 -13.50 -1.82
N ARG B 127 -13.86 -13.50 -1.84
CA ARG B 127 -14.35 -14.84 -1.44
CA ARG B 127 -14.36 -14.81 -1.48
C ARG B 127 -13.13 -15.73 -1.12
C ARG B 127 -13.19 -15.80 -1.22
N ILE B 128 -12.12 -15.66 -1.98
CA ILE B 128 -10.93 -16.52 -1.80
C ILE B 128 -10.26 -16.16 -0.47
N LEU B 129 -10.04 -14.87 -0.22
CA LEU B 129 -9.42 -14.45 1.05
C LEU B 129 -10.29 -14.86 2.26
N ARG B 130 -11.59 -14.60 2.20
N ARG B 130 -11.59 -14.57 2.20
CA ARG B 130 -12.45 -14.83 3.35
CA ARG B 130 -12.47 -14.85 3.33
C ARG B 130 -12.57 -16.32 3.67
C ARG B 130 -12.47 -16.32 3.67
N GLU B 131 -12.68 -17.16 2.64
CA GLU B 131 -12.80 -18.60 2.87
C GLU B 131 -11.54 -19.18 3.52
N THR B 132 -10.40 -18.59 3.21
CA THR B 132 -9.13 -19.00 3.87
C THR B 132 -8.98 -18.42 5.27
N LEU B 133 -9.18 -17.11 5.38
CA LEU B 133 -9.04 -16.41 6.65
C LEU B 133 -10.02 -16.91 7.72
N GLU B 134 -11.26 -17.23 7.34
CA GLU B 134 -12.30 -17.43 8.36
C GLU B 134 -11.97 -18.72 9.11
N LYS B 135 -11.15 -19.57 8.51
CA LYS B 135 -10.79 -20.80 9.20
C LYS B 135 -9.74 -20.57 10.26
N ILE B 136 -8.89 -19.57 10.07
CA ILE B 136 -7.84 -19.30 11.06
C ILE B 136 -7.85 -18.05 11.96
N VAL B 137 -8.69 -17.08 11.67
CA VAL B 137 -8.79 -15.88 12.54
C VAL B 137 -10.25 -15.47 12.70
N SER B 138 -10.51 -14.62 13.69
CA SER B 138 -11.84 -14.07 13.98
C SER B 138 -12.29 -13.10 12.88
N GLU B 139 -13.59 -12.79 12.86
CA GLU B 139 -14.13 -11.84 11.89
C GLU B 139 -13.43 -10.46 11.98
N GLU B 140 -13.23 -9.92 13.20
CA GLU B 140 -12.63 -8.58 13.30
C GLU B 140 -11.19 -8.62 12.78
N ALA B 141 -10.47 -9.72 13.02
CA ALA B 141 -9.09 -9.84 12.51
C ALA B 141 -9.07 -10.04 10.99
N LEU B 142 -10.03 -10.80 10.48
CA LEU B 142 -10.21 -11.08 9.05
C LEU B 142 -10.41 -9.74 8.29
N VAL B 143 -11.30 -8.88 8.79
CA VAL B 143 -11.62 -7.63 8.06
C VAL B 143 -10.36 -6.76 8.01
N ARG B 144 -9.63 -6.69 9.14
CA ARG B 144 -8.44 -5.86 9.22
C ARG B 144 -7.37 -6.39 8.27
N TRP B 145 -7.25 -7.72 8.24
CA TRP B 145 -6.25 -8.38 7.38
C TRP B 145 -6.56 -8.07 5.92
N MSE B 146 -7.83 -8.22 5.52
CA MSE B 146 -8.20 -7.94 4.15
C MSE B 146 -7.94 -6.51 3.78
O MSE B 146 -7.43 -6.26 2.66
CB MSE B 146 -9.68 -8.31 3.91
CG MSE B 146 -9.78 -9.84 3.76
SE MSE B 146 -11.55 -10.45 3.44
CE MSE B 146 -12.08 -8.95 2.37
N HIS B 147 -8.26 -5.54 4.65
CA HIS B 147 -8.01 -4.15 4.34
C HIS B 147 -6.53 -3.94 4.07
N VAL B 148 -5.70 -4.50 4.93
N VAL B 148 -5.66 -4.48 4.91
CA VAL B 148 -4.26 -4.31 4.80
CA VAL B 148 -4.24 -4.19 4.66
C VAL B 148 -3.70 -5.02 3.54
C VAL B 148 -3.63 -5.05 3.53
N PHE B 149 -4.21 -6.23 3.25
CA PHE B 149 -3.82 -7.00 2.06
C PHE B 149 -3.99 -6.09 0.84
N TYR B 150 -5.16 -5.47 0.70
CA TYR B 150 -5.40 -4.63 -0.50
C TYR B 150 -4.57 -3.35 -0.53
N ALA B 151 -4.40 -2.69 0.59
CA ALA B 151 -3.54 -1.53 0.66
C ALA B 151 -2.09 -1.88 0.28
N LEU B 152 -1.56 -3.01 0.78
CA LEU B 152 -0.19 -3.42 0.45
C LEU B 152 -0.09 -3.78 -1.04
N LEU B 153 -1.08 -4.50 -1.53
CA LEU B 153 -1.12 -4.85 -2.96
C LEU B 153 -1.10 -3.59 -3.85
N ASP B 154 -1.96 -2.63 -3.53
CA ASP B 154 -2.06 -1.40 -4.30
C ASP B 154 -0.78 -0.56 -4.20
N GLY B 155 -0.22 -0.47 -3.00
CA GLY B 155 1.01 0.30 -2.79
C GLY B 155 2.16 -0.34 -3.51
N LEU B 156 2.28 -1.67 -3.42
CA LEU B 156 3.34 -2.36 -4.13
C LEU B 156 3.17 -2.19 -5.63
N SER B 157 1.93 -2.11 -6.09
CA SER B 157 1.69 -2.05 -7.52
C SER B 157 2.25 -0.77 -8.11
N VAL B 158 2.02 0.31 -7.38
N VAL B 158 2.07 0.34 -7.40
CA VAL B 158 2.57 1.58 -7.76
CA VAL B 158 2.61 1.61 -7.87
C VAL B 158 4.08 1.57 -7.60
C VAL B 158 4.09 1.78 -7.49
N GLU B 159 4.57 1.12 -6.45
CA GLU B 159 6.01 1.11 -6.18
C GLU B 159 6.78 0.31 -7.24
N HIS B 160 6.14 -0.69 -7.82
CA HIS B 160 6.80 -1.52 -8.82
C HIS B 160 7.31 -0.65 -9.97
N GLY B 161 6.55 0.39 -10.27
CA GLY B 161 6.91 1.31 -11.34
C GLY B 161 8.10 2.22 -11.08
N ILE B 162 8.32 2.62 -9.84
CA ILE B 162 9.45 3.49 -9.54
C ILE B 162 10.70 2.90 -8.85
N TYR B 163 10.67 1.63 -8.50
CA TYR B 163 11.82 1.03 -7.87
C TYR B 163 12.37 0.00 -8.78
N ASP B 164 13.67 -0.30 -8.68
CA ASP B 164 14.21 -1.41 -9.45
C ASP B 164 13.77 -2.72 -8.86
N GLU B 165 14.13 -3.80 -9.54
CA GLU B 165 13.57 -5.10 -9.23
C GLU B 165 14.03 -5.54 -7.85
N THR B 166 15.29 -5.31 -7.52
CA THR B 166 15.82 -5.76 -6.22
C THR B 166 15.14 -5.04 -5.04
N GLU B 167 15.02 -3.73 -5.15
N GLU B 167 15.00 -3.73 -5.17
CA GLU B 167 14.36 -2.97 -4.11
CA GLU B 167 14.36 -2.94 -4.13
C GLU B 167 12.90 -3.41 -3.99
C GLU B 167 12.87 -3.26 -4.00
N PHE B 168 12.23 -3.52 -5.14
CA PHE B 168 10.84 -3.95 -5.15
C PHE B 168 10.64 -5.26 -4.40
N GLU B 169 11.53 -6.22 -4.64
CA GLU B 169 11.36 -7.53 -4.04
C GLU B 169 11.53 -7.45 -2.52
N LEU B 170 12.45 -6.60 -2.06
CA LEU B 170 12.65 -6.42 -0.60
C LEU B 170 11.35 -5.88 0.04
N ARG B 171 10.77 -4.89 -0.63
N ARG B 171 10.72 -4.93 -0.62
CA ARG B 171 9.52 -4.28 -0.17
CA ARG B 171 9.50 -4.35 -0.05
C ARG B 171 8.41 -5.32 -0.13
C ARG B 171 8.31 -5.27 -0.17
N ARG B 172 8.35 -6.15 -1.17
CA ARG B 172 7.31 -7.15 -1.32
C ARG B 172 7.43 -8.17 -0.17
N LYS B 173 8.65 -8.56 0.16
CA LYS B 173 8.90 -9.46 1.29
C LYS B 173 8.59 -8.82 2.65
N SER B 174 8.90 -7.54 2.87
CA SER B 174 8.46 -6.88 4.12
C SER B 174 6.95 -6.92 4.27
N ALA B 175 6.25 -6.62 3.17
CA ALA B 175 4.80 -6.60 3.21
C ALA B 175 4.23 -7.98 3.59
N TRP B 176 4.75 -9.06 3.00
CA TRP B 176 4.22 -10.37 3.29
C TRP B 176 4.60 -10.67 4.76
N ALA B 177 5.81 -10.30 5.19
CA ALA B 177 6.19 -10.65 6.57
C ALA B 177 5.19 -10.03 7.57
N VAL B 178 4.76 -8.81 7.30
CA VAL B 178 3.87 -8.09 8.22
C VAL B 178 2.49 -8.77 8.13
N LEU B 179 2.03 -9.15 6.94
CA LEU B 179 0.75 -9.88 6.84
C LEU B 179 0.83 -11.20 7.62
N ALA B 180 1.97 -11.88 7.54
CA ALA B 180 2.13 -13.15 8.20
C ALA B 180 2.14 -12.96 9.70
N SER B 181 2.67 -11.82 10.17
CA SER B 181 2.78 -11.57 11.63
C SER B 181 1.37 -11.49 12.22
N LEU B 182 0.39 -11.08 11.44
CA LEU B 182 -0.99 -11.01 11.95
C LEU B 182 -1.69 -12.39 12.12
N LEU B 183 -1.12 -13.42 11.54
CA LEU B 183 -1.70 -14.77 11.54
C LEU B 183 -1.05 -15.63 12.62
N LYS B 184 -0.15 -15.02 13.39
CA LYS B 184 0.72 -15.64 14.38
C LYS B 184 1.89 -16.35 13.74
C1 EDO C . -1.76 19.89 -13.14
O1 EDO C . -2.60 18.76 -12.92
C2 EDO C . -2.51 21.02 -13.85
O2 EDO C . -3.28 21.82 -12.92
C1 EDO D . 6.72 -14.37 -8.77
O1 EDO D . 6.08 -14.53 -7.51
C2 EDO D . 7.46 -13.04 -8.89
O2 EDO D . 8.79 -13.16 -8.39
#